data_1UOB
#
_entry.id   1UOB
#
_cell.length_a   106.600
_cell.length_b   106.600
_cell.length_c   71.600
_cell.angle_alpha   90.00
_cell.angle_beta   90.00
_cell.angle_gamma   120.00
#
_symmetry.space_group_name_H-M   'H 3'
#
loop_
_entity.id
_entity.type
_entity.pdbx_description
1 polymer 'DEACETOXYCEPHALOSPORIN C SYNTHETASE'
2 non-polymer 'FE (II) ION'
3 non-polymer 'PENICILLIN G'
4 non-polymer '2-OXOGLUTARIC ACID'
5 water water
#
_entity_poly.entity_id   1
_entity_poly.type   'polypeptide(L)'
_entity_poly.pdbx_seq_one_letter_code
;MDTTVPTFSLAELQQGLHQDEFRRCLRDKGLFYLTDCGLTDTELKSAKDLVIDFFEHGSEAEKRAVTSPVPTMRRGFTGL
ESESTAQITNTGSYSDYSMCYSMGTADNLFPSGDFERIWTQYFDRQYTASRAVAREVLRATGTEPDGGVEAFLDCEPLLR
FRYFPQVPEHRSAEEQPLRMAPHYDLSMVTLIQQTPCANGFVSLQAEVGGAFTDLPYRPDAVLVFCGAIATLVTGGQVKA
PRHHVAAPRRDQIAGSSRTSSVFFLRPNADFTFSVPLARECGFDVSLDGETATFQDWIGGNYVNIRRTSKA
;
_entity_poly.pdbx_strand_id   A
#
loop_
_chem_comp.id
_chem_comp.type
_chem_comp.name
_chem_comp.formula
AKG non-polymer '2-OXOGLUTARIC ACID' 'C5 H6 O5'
FE2 non-polymer 'FE (II) ION' 'Fe 2'
PNN non-polymer 'PENICILLIN G' 'C16 H18 N2 O4 S'
#
# COMPACT_ATOMS: atom_id res chain seq x y z
N MET A 1 2.06 -17.44 19.88
CA MET A 1 2.84 -16.67 18.85
C MET A 1 3.66 -15.48 19.42
N ASP A 2 4.87 -15.33 18.90
CA ASP A 2 5.55 -14.06 18.86
C ASP A 2 4.73 -13.11 17.96
N THR A 3 4.23 -12.01 18.55
CA THR A 3 3.49 -10.96 17.82
C THR A 3 4.35 -9.82 17.32
N THR A 4 5.61 -10.13 17.21
CA THR A 4 6.51 -9.17 16.69
C THR A 4 6.27 -9.13 15.19
N VAL A 5 6.20 -7.91 14.72
CA VAL A 5 6.21 -7.55 13.27
C VAL A 5 7.62 -7.70 12.82
N PRO A 6 7.85 -8.71 11.98
CA PRO A 6 9.17 -8.99 11.46
C PRO A 6 9.63 -8.04 10.40
N THR A 7 10.93 -8.13 10.15
CA THR A 7 11.59 -7.37 9.05
C THR A 7 12.38 -8.35 8.22
N PHE A 8 12.32 -8.17 6.88
CA PHE A 8 13.06 -9.00 5.97
C PHE A 8 13.78 -8.01 5.06
N SER A 9 15.01 -8.38 4.68
CA SER A 9 15.72 -7.74 3.55
C SER A 9 15.25 -8.37 2.24
N LEU A 10 14.86 -7.53 1.30
CA LEU A 10 14.39 -8.03 0.04
C LEU A 10 15.61 -8.76 -0.61
N ALA A 11 16.79 -8.18 -0.48
CA ALA A 11 17.93 -8.79 -1.13
C ALA A 11 18.19 -10.17 -0.65
N GLU A 12 18.11 -10.43 0.67
CA GLU A 12 18.22 -11.79 1.19
C GLU A 12 17.11 -12.69 0.80
N LEU A 13 15.88 -12.21 0.75
CA LEU A 13 14.76 -13.04 0.25
C LEU A 13 14.99 -13.51 -1.20
N GLN A 14 15.44 -12.57 -2.02
CA GLN A 14 15.69 -12.83 -3.48
C GLN A 14 16.83 -13.82 -3.69
N GLN A 15 17.72 -13.93 -2.68
CA GLN A 15 18.79 -14.98 -2.65
C GLN A 15 18.32 -16.33 -2.06
N GLY A 16 17.02 -16.44 -1.71
CA GLY A 16 16.42 -17.63 -1.14
C GLY A 16 16.72 -17.84 0.32
N LEU A 17 17.17 -16.81 1.06
CA LEU A 17 17.36 -16.99 2.48
C LEU A 17 15.97 -16.77 3.24
N HIS A 18 15.93 -17.25 4.47
CA HIS A 18 14.74 -17.06 5.37
C HIS A 18 13.43 -17.52 4.79
N GLN A 19 13.44 -18.55 3.93
CA GLN A 19 12.20 -19.01 3.31
C GLN A 19 11.09 -19.41 4.29
N ASP A 20 11.46 -20.18 5.32
CA ASP A 20 10.46 -20.65 6.28
C ASP A 20 9.95 -19.49 7.06
N GLU A 21 10.81 -18.59 7.48
CA GLU A 21 10.40 -17.46 8.27
C GLU A 21 9.43 -16.58 7.48
N PHE A 22 9.74 -16.36 6.21
CA PHE A 22 8.86 -15.60 5.35
C PHE A 22 7.51 -16.21 5.09
N ARG A 23 7.47 -17.48 4.73
CA ARG A 23 6.26 -18.20 4.53
C ARG A 23 5.41 -18.14 5.78
N ARG A 24 6.00 -18.32 6.95
CA ARG A 24 5.23 -18.41 8.16
C ARG A 24 4.67 -16.96 8.47
N CYS A 25 5.50 -15.92 8.30
CA CYS A 25 5.03 -14.53 8.37
C CYS A 25 3.81 -14.26 7.47
N LEU A 26 3.95 -14.62 6.22
CA LEU A 26 2.82 -14.40 5.26
C LEU A 26 1.55 -15.02 5.74
N ARG A 27 1.61 -16.29 6.19
CA ARG A 27 0.41 -17.08 6.53
C ARG A 27 -0.19 -16.59 7.89
N ASP A 28 0.67 -16.35 8.88
CA ASP A 28 0.15 -16.01 10.23
C ASP A 28 -0.05 -14.52 10.53
N LYS A 29 0.67 -13.63 9.81
CA LYS A 29 0.74 -12.21 9.97
C LYS A 29 0.26 -11.32 8.76
N GLY A 30 0.84 -11.65 7.59
CA GLY A 30 0.52 -10.85 6.42
C GLY A 30 1.08 -9.46 6.39
N LEU A 31 2.10 -9.19 7.17
CA LEU A 31 2.67 -7.90 7.20
C LEU A 31 4.13 -7.97 7.69
N PHE A 32 4.95 -7.06 7.23
CA PHE A 32 6.36 -7.05 7.64
C PHE A 32 7.03 -5.79 7.17
N TYR A 33 8.14 -5.39 7.82
CA TYR A 33 8.99 -4.36 7.29
C TYR A 33 10.00 -4.97 6.32
N LEU A 34 10.36 -4.15 5.37
CA LEU A 34 11.21 -4.59 4.22
C LEU A 34 12.40 -3.61 4.06
N THR A 35 13.61 -4.12 4.21
CA THR A 35 14.84 -3.34 4.00
C THR A 35 15.49 -3.74 2.68
N ASP A 36 16.51 -3.00 2.26
CA ASP A 36 17.30 -3.36 1.09
C ASP A 36 16.40 -3.56 -0.17
N CYS A 37 15.53 -2.59 -0.42
CA CYS A 37 14.55 -2.69 -1.54
C CYS A 37 14.62 -1.50 -2.46
N GLY A 38 15.67 -0.68 -2.32
CA GLY A 38 15.81 0.47 -3.18
C GLY A 38 15.08 1.73 -2.67
N LEU A 39 14.60 1.72 -1.45
CA LEU A 39 13.78 2.82 -0.95
C LEU A 39 14.30 3.57 0.25
N THR A 40 15.13 4.59 0.08
CA THR A 40 15.79 5.24 1.24
C THR A 40 14.98 6.37 1.80
N ASP A 41 15.22 6.69 3.08
CA ASP A 41 14.64 7.88 3.68
C ASP A 41 14.99 9.17 2.93
N THR A 42 16.17 9.22 2.35
CA THR A 42 16.62 10.38 1.64
C THR A 42 15.62 10.78 0.52
N GLU A 43 15.34 9.80 -0.32
CA GLU A 43 14.31 9.90 -1.39
C GLU A 43 12.90 10.25 -0.88
N LEU A 44 12.44 9.47 0.06
CA LEU A 44 11.22 9.86 0.73
C LEU A 44 11.30 11.38 1.11
N LYS A 45 12.40 11.84 1.70
CA LYS A 45 12.46 13.27 1.94
C LYS A 45 12.54 14.14 0.61
N SER A 46 13.24 13.80 -0.46
CA SER A 46 13.19 14.59 -1.70
C SER A 46 11.72 14.79 -2.15
N ALA A 47 11.00 13.68 -2.18
CA ALA A 47 9.57 13.72 -2.69
C ALA A 47 8.66 14.43 -1.70
N LYS A 48 8.76 14.14 -0.44
CA LYS A 48 7.94 14.73 0.57
C LYS A 48 8.20 16.25 0.57
N ASP A 49 9.45 16.69 0.39
CA ASP A 49 9.70 18.08 0.49
C ASP A 49 9.08 18.85 -0.58
N LEU A 50 9.20 18.40 -1.84
CA LEU A 50 8.53 19.14 -2.92
C LEU A 50 7.01 19.14 -2.89
N VAL A 51 6.40 18.08 -2.38
CA VAL A 51 4.91 18.03 -2.37
C VAL A 51 4.34 18.89 -1.25
N ILE A 52 5.02 18.85 -0.11
CA ILE A 52 4.66 19.67 1.02
C ILE A 52 4.86 21.11 0.70
N ASP A 53 5.92 21.44 -0.04
CA ASP A 53 6.11 22.82 -0.61
C ASP A 53 4.92 23.22 -1.46
N PHE A 54 4.42 22.30 -2.29
CA PHE A 54 3.16 22.56 -3.02
C PHE A 54 1.91 22.65 -2.13
N PHE A 55 1.71 21.76 -1.16
CA PHE A 55 0.56 21.81 -0.30
C PHE A 55 0.52 23.21 0.34
N GLU A 56 1.66 23.68 0.81
CA GLU A 56 1.76 24.96 1.51
C GLU A 56 1.80 26.23 0.62
N HIS A 57 2.51 26.16 -0.51
CA HIS A 57 2.91 27.37 -1.28
C HIS A 57 2.26 27.45 -2.66
N GLY A 58 1.59 26.36 -3.07
CA GLY A 58 0.98 26.39 -4.38
C GLY A 58 -0.26 27.25 -4.30
N SER A 59 -0.48 28.06 -5.35
CA SER A 59 -1.68 28.91 -5.44
C SER A 59 -2.89 28.04 -5.63
N GLU A 60 -4.04 28.64 -5.44
CA GLU A 60 -5.34 28.09 -5.77
C GLU A 60 -5.38 27.66 -7.26
N ALA A 61 -4.81 28.51 -8.11
CA ALA A 61 -4.78 28.32 -9.53
C ALA A 61 -3.85 27.13 -9.89
N GLU A 62 -2.77 27.01 -9.13
CA GLU A 62 -1.85 25.96 -9.44
C GLU A 62 -2.43 24.64 -9.00
N LYS A 63 -3.06 24.60 -7.85
CA LYS A 63 -3.74 23.41 -7.42
C LYS A 63 -4.85 22.99 -8.37
N ARG A 64 -5.69 23.94 -8.82
CA ARG A 64 -6.73 23.68 -9.84
C ARG A 64 -6.21 23.03 -11.13
N ALA A 65 -5.05 23.51 -11.60
CA ALA A 65 -4.48 22.94 -12.80
C ALA A 65 -4.02 21.51 -12.61
N VAL A 66 -3.87 21.04 -11.37
CA VAL A 66 -3.53 19.59 -11.18
C VAL A 66 -4.56 18.84 -10.35
N THR A 67 -5.80 19.34 -10.38
CA THR A 67 -6.97 18.70 -9.77
C THR A 67 -7.84 18.09 -10.89
N SER A 68 -8.16 16.81 -10.76
CA SER A 68 -9.10 16.13 -11.68
C SER A 68 -10.50 16.69 -11.60
N PRO A 69 -11.26 16.65 -12.67
CA PRO A 69 -12.58 17.23 -12.61
C PRO A 69 -13.61 16.46 -11.79
N VAL A 70 -13.34 15.17 -11.60
CA VAL A 70 -14.06 14.40 -10.61
C VAL A 70 -13.18 14.12 -9.41
N PRO A 71 -13.67 14.28 -8.20
CA PRO A 71 -12.73 14.26 -7.07
C PRO A 71 -12.54 12.81 -6.53
N THR A 72 -11.86 11.98 -7.35
CA THR A 72 -11.65 10.55 -6.98
C THR A 72 -10.33 10.20 -6.23
N MET A 73 -9.46 11.18 -6.07
CA MET A 73 -8.10 10.90 -5.54
C MET A 73 -7.34 9.82 -6.36
N ARG A 74 -7.49 9.84 -7.68
CA ARG A 74 -6.80 8.91 -8.53
C ARG A 74 -5.55 9.55 -9.04
N ARG A 75 -5.60 10.82 -9.43
CA ARG A 75 -4.49 11.47 -10.03
C ARG A 75 -4.50 12.94 -9.50
N GLY A 76 -3.30 13.46 -9.22
CA GLY A 76 -3.14 14.88 -8.89
C GLY A 76 -3.53 15.20 -7.49
N PHE A 77 -3.94 16.45 -7.26
CA PHE A 77 -4.15 16.99 -5.94
C PHE A 77 -5.58 16.85 -5.51
N THR A 78 -5.77 16.56 -4.25
CA THR A 78 -7.12 16.60 -3.63
C THR A 78 -6.93 17.34 -2.33
N GLY A 79 -7.63 18.46 -2.19
CA GLY A 79 -7.77 19.08 -0.86
C GLY A 79 -8.96 18.51 -0.06
N TYR A 97 -8.93 19.74 6.27
CA TYR A 97 -8.44 18.82 7.29
C TYR A 97 -7.42 17.77 6.73
N SER A 98 -6.73 18.12 5.61
CA SER A 98 -5.83 17.19 4.91
C SER A 98 -5.66 17.46 3.38
N MET A 99 -4.57 16.94 2.81
CA MET A 99 -4.33 17.06 1.37
C MET A 99 -3.71 15.78 0.83
N CYS A 100 -3.96 15.49 -0.45
CA CYS A 100 -3.48 14.22 -1.01
CA CYS A 100 -3.49 14.23 -1.01
C CYS A 100 -2.88 14.54 -2.36
N TYR A 101 -1.88 13.76 -2.74
CA TYR A 101 -1.29 13.78 -4.07
C TYR A 101 -1.29 12.31 -4.57
N SER A 102 -1.94 12.08 -5.72
CA SER A 102 -1.97 10.72 -6.32
C SER A 102 -1.32 10.58 -7.69
N MET A 103 -0.81 9.38 -7.97
CA MET A 103 -0.11 9.13 -9.25
C MET A 103 -0.28 7.65 -9.60
N GLY A 104 -0.13 7.32 -10.91
CA GLY A 104 0.02 5.99 -11.42
C GLY A 104 1.05 6.03 -12.54
N THR A 105 0.97 4.97 -13.34
CA THR A 105 1.90 4.79 -14.39
C THR A 105 1.69 5.77 -15.51
N ALA A 106 0.51 6.39 -15.63
CA ALA A 106 0.23 7.36 -16.70
C ALA A 106 -0.93 8.25 -16.32
N ASP A 107 -1.28 9.18 -17.22
CA ASP A 107 -2.32 10.22 -16.93
C ASP A 107 -2.05 11.02 -15.65
N ASN A 108 -0.83 11.35 -15.43
CA ASN A 108 -0.48 12.04 -14.19
C ASN A 108 -0.69 13.57 -14.37
N LEU A 109 -0.78 14.27 -13.27
CA LEU A 109 -0.90 15.76 -13.22
C LEU A 109 0.22 16.25 -12.34
N PHE A 110 1.12 17.02 -12.88
CA PHE A 110 2.31 17.41 -12.14
C PHE A 110 2.38 18.94 -12.09
N PRO A 111 2.61 19.48 -10.92
CA PRO A 111 2.84 20.91 -10.73
C PRO A 111 4.03 21.52 -11.46
N SER A 112 5.04 20.72 -11.76
CA SER A 112 6.16 21.35 -12.56
C SER A 112 7.19 20.31 -12.92
N GLY A 113 8.20 20.76 -13.69
CA GLY A 113 9.13 19.84 -14.33
C GLY A 113 9.99 19.26 -13.27
N ASP A 114 10.30 20.13 -12.28
CA ASP A 114 10.99 19.61 -11.07
C ASP A 114 10.28 18.56 -10.22
N PHE A 115 9.05 18.87 -9.88
CA PHE A 115 8.16 17.85 -9.29
C PHE A 115 8.08 16.59 -10.11
N GLU A 116 7.84 16.72 -11.40
CA GLU A 116 7.67 15.56 -12.26
C GLU A 116 8.86 14.61 -12.27
N ARG A 117 10.08 15.15 -12.40
CA ARG A 117 11.28 14.27 -12.32
C ARG A 117 11.38 13.58 -11.00
N ILE A 118 11.12 14.28 -9.93
CA ILE A 118 11.31 13.72 -8.59
C ILE A 118 10.24 12.63 -8.33
N TRP A 119 9.02 12.99 -8.62
CA TRP A 119 7.88 12.06 -8.40
C TRP A 119 7.83 10.84 -9.35
N THR A 120 8.28 11.03 -10.58
CA THR A 120 8.39 9.90 -11.52
C THR A 120 9.41 8.88 -11.05
N GLN A 121 10.59 9.34 -10.72
CA GLN A 121 11.60 8.52 -10.13
C GLN A 121 11.09 7.81 -8.83
N TYR A 122 10.43 8.57 -7.94
CA TYR A 122 9.95 7.99 -6.66
C TYR A 122 8.89 6.92 -6.91
N PHE A 123 7.95 7.24 -7.76
CA PHE A 123 6.94 6.24 -8.22
C PHE A 123 7.57 4.99 -8.74
N ASP A 124 8.54 5.15 -9.60
CA ASP A 124 9.09 4.02 -10.22
C ASP A 124 9.86 3.11 -9.27
N ARG A 125 10.60 3.67 -8.39
CA ARG A 125 11.26 2.99 -7.29
C ARG A 125 10.25 2.19 -6.46
N GLN A 126 9.12 2.81 -6.16
CA GLN A 126 8.10 2.12 -5.38
CA GLN A 126 8.07 2.17 -5.37
C GLN A 126 7.45 1.02 -6.18
N TYR A 127 7.21 1.18 -7.51
CA TYR A 127 6.52 0.26 -8.20
C TYR A 127 7.49 -1.01 -8.36
N THR A 128 8.77 -0.73 -8.49
CA THR A 128 9.80 -1.76 -8.62
C THR A 128 9.84 -2.58 -7.35
N ALA A 129 9.92 -1.90 -6.22
CA ALA A 129 9.99 -2.64 -4.92
C ALA A 129 8.74 -3.47 -4.71
N SER A 130 7.60 -2.89 -5.06
CA SER A 130 6.28 -3.55 -4.89
CA SER A 130 6.29 -3.56 -4.87
C SER A 130 6.23 -4.84 -5.70
N ARG A 131 6.57 -4.73 -7.01
CA ARG A 131 6.64 -5.90 -7.85
CA ARG A 131 6.62 -5.92 -7.84
C ARG A 131 7.62 -6.96 -7.32
N ALA A 132 8.78 -6.53 -6.87
CA ALA A 132 9.84 -7.39 -6.44
C ALA A 132 9.37 -8.18 -5.16
N VAL A 133 8.71 -7.49 -4.27
CA VAL A 133 8.23 -8.24 -3.04
C VAL A 133 7.06 -9.15 -3.37
N ALA A 134 6.13 -8.68 -4.23
CA ALA A 134 5.10 -9.53 -4.73
C ALA A 134 5.66 -10.82 -5.41
N ARG A 135 6.72 -10.71 -6.19
CA ARG A 135 7.32 -11.88 -6.86
C ARG A 135 7.81 -12.81 -5.76
N GLU A 136 8.35 -12.29 -4.69
CA GLU A 136 8.80 -13.15 -3.59
C GLU A 136 7.66 -13.81 -2.84
N VAL A 137 6.53 -13.08 -2.70
CA VAL A 137 5.38 -13.68 -2.08
C VAL A 137 4.90 -14.84 -2.93
N LEU A 138 4.86 -14.63 -4.25
CA LEU A 138 4.29 -15.65 -5.11
C LEU A 138 5.27 -16.86 -5.11
N ARG A 139 6.54 -16.60 -5.15
CA ARG A 139 7.54 -17.71 -5.09
C ARG A 139 7.57 -18.48 -3.81
N ALA A 140 7.49 -17.79 -2.69
CA ALA A 140 7.45 -18.44 -1.42
C ALA A 140 6.25 -19.36 -1.24
N THR A 141 5.15 -19.07 -1.90
CA THR A 141 3.92 -19.85 -1.82
C THR A 141 3.72 -20.79 -2.99
N GLY A 142 4.74 -20.91 -3.85
CA GLY A 142 4.59 -21.68 -5.05
C GLY A 142 3.50 -21.34 -6.05
N THR A 143 3.20 -20.05 -6.23
CA THR A 143 2.04 -19.57 -6.96
C THR A 143 2.37 -19.11 -8.34
N GLU A 144 1.66 -19.66 -9.33
CA GLU A 144 1.73 -19.22 -10.72
C GLU A 144 0.39 -18.67 -11.06
N PRO A 145 0.22 -17.34 -11.04
CA PRO A 145 -1.07 -16.80 -11.45
C PRO A 145 -1.48 -17.25 -12.81
N ASP A 146 -2.77 -17.42 -13.07
CA ASP A 146 -3.32 -17.50 -14.42
C ASP A 146 -2.76 -16.43 -15.32
N GLY A 147 -2.12 -16.81 -16.45
CA GLY A 147 -1.51 -15.84 -17.33
C GLY A 147 -0.04 -15.55 -17.05
N GLY A 148 0.49 -16.19 -16.01
CA GLY A 148 1.84 -16.09 -15.52
C GLY A 148 2.13 -14.86 -14.64
N VAL A 149 3.29 -14.97 -14.01
CA VAL A 149 3.76 -14.02 -13.01
C VAL A 149 3.98 -12.67 -13.58
N GLU A 150 4.76 -12.53 -14.66
CA GLU A 150 5.05 -11.17 -15.09
C GLU A 150 3.83 -10.41 -15.60
N ALA A 151 2.84 -11.04 -16.28
CA ALA A 151 1.72 -10.32 -16.76
C ALA A 151 0.82 -9.93 -15.59
N PHE A 152 0.89 -10.70 -14.49
CA PHE A 152 0.10 -10.44 -13.30
C PHE A 152 0.63 -9.15 -12.59
N LEU A 153 1.95 -9.02 -12.57
CA LEU A 153 2.61 -7.91 -11.84
C LEU A 153 2.76 -6.58 -12.62
N ASP A 154 2.57 -6.63 -13.91
CA ASP A 154 2.47 -5.47 -14.82
C ASP A 154 1.01 -5.05 -14.79
N CYS A 155 0.70 -4.18 -13.84
CA CYS A 155 -0.68 -4.10 -13.40
C CYS A 155 -1.12 -2.65 -13.32
N GLU A 156 -1.93 -2.29 -12.26
CA GLU A 156 -2.53 -0.99 -12.18
C GLU A 156 -2.35 -0.37 -10.87
N PRO A 157 -1.10 -0.02 -10.58
CA PRO A 157 -0.78 0.47 -9.23
C PRO A 157 -1.33 1.92 -9.04
N LEU A 158 -1.48 2.29 -7.80
CA LEU A 158 -1.89 3.65 -7.41
C LEU A 158 -1.03 4.07 -6.25
N LEU A 159 -0.44 5.28 -6.29
CA LEU A 159 0.40 5.81 -5.21
C LEU A 159 -0.41 6.99 -4.64
N ARG A 160 -0.68 7.02 -3.36
CA ARG A 160 -1.31 8.20 -2.70
C ARG A 160 -0.40 8.73 -1.59
N PHE A 161 -0.10 10.03 -1.62
CA PHE A 161 0.71 10.61 -0.55
C PHE A 161 -0.24 11.53 0.20
N ARG A 162 -0.36 11.38 1.52
N ARG A 162 -0.41 11.33 1.52
CA ARG A 162 -1.35 12.10 2.27
CA ARG A 162 -1.29 12.17 2.32
C ARG A 162 -0.76 12.81 3.44
C ARG A 162 -0.48 12.98 3.27
N TYR A 163 -1.00 14.16 3.54
CA TYR A 163 -0.50 15.01 4.71
C TYR A 163 -1.70 15.14 5.67
N PHE A 164 -1.51 14.91 6.99
CA PHE A 164 -2.60 14.92 7.91
C PHE A 164 -2.24 16.09 8.89
N PRO A 165 -3.18 16.99 9.15
CA PRO A 165 -2.98 18.05 10.16
C PRO A 165 -3.04 17.52 11.63
N GLN A 166 -2.72 18.33 12.63
CA GLN A 166 -2.99 17.88 14.02
C GLN A 166 -4.49 17.86 14.29
N VAL A 167 -4.92 17.32 15.44
CA VAL A 167 -6.25 17.67 16.02
C VAL A 167 -6.46 19.20 16.00
N LEU A 178 -11.07 8.13 15.02
CA LEU A 178 -9.88 7.32 14.83
C LEU A 178 -8.86 8.12 14.05
N ARG A 179 -9.22 8.51 12.83
CA ARG A 179 -8.31 9.10 11.86
C ARG A 179 -8.52 8.29 10.59
N MET A 180 -8.48 6.95 10.72
CA MET A 180 -8.88 6.00 9.65
C MET A 180 -9.42 4.68 10.29
N ALA A 181 -10.64 4.26 9.87
CA ALA A 181 -11.33 3.09 10.42
C ALA A 181 -10.64 1.79 10.01
N PRO A 182 -10.84 0.75 10.80
CA PRO A 182 -10.17 -0.54 10.53
C PRO A 182 -10.67 -1.09 9.17
N HIS A 183 -9.74 -1.67 8.43
CA HIS A 183 -9.99 -2.28 7.14
C HIS A 183 -8.86 -3.16 6.81
N TYR A 184 -9.09 -3.93 5.77
CA TYR A 184 -8.03 -4.61 5.10
C TYR A 184 -7.95 -4.05 3.70
N ASP A 185 -6.80 -4.25 3.13
CA ASP A 185 -6.54 -3.78 1.71
C ASP A 185 -6.92 -4.90 0.70
N LEU A 186 -7.39 -4.49 -0.49
CA LEU A 186 -7.77 -5.33 -1.57
C LEU A 186 -6.67 -5.36 -2.66
N SER A 187 -5.50 -4.84 -2.34
CA SER A 187 -4.31 -4.98 -3.13
C SER A 187 -3.72 -6.40 -3.14
N MET A 188 -2.75 -6.66 -4.08
CA MET A 188 -1.81 -7.72 -3.96
C MET A 188 -0.89 -7.42 -2.69
N VAL A 189 -0.11 -6.35 -2.70
CA VAL A 189 0.63 -5.83 -1.51
C VAL A 189 0.39 -4.32 -1.55
N THR A 190 0.59 -3.74 -0.39
CA THR A 190 0.63 -2.33 -0.21
C THR A 190 1.94 -1.95 0.46
N LEU A 191 2.66 -0.96 -0.07
CA LEU A 191 3.91 -0.45 0.60
C LEU A 191 3.61 0.94 1.17
N ILE A 192 4.02 1.13 2.46
CA ILE A 192 3.76 2.33 3.17
C ILE A 192 5.02 2.93 3.75
N GLN A 193 5.25 4.16 3.42
CA GLN A 193 6.39 4.93 3.99
C GLN A 193 5.72 6.06 4.74
N GLN A 194 6.14 6.28 5.95
CA GLN A 194 5.48 7.29 6.81
C GLN A 194 6.54 8.29 7.16
N THR A 195 6.18 9.52 7.55
CA THR A 195 7.13 10.31 8.32
C THR A 195 6.52 10.36 9.72
N PRO A 196 7.38 10.49 10.75
CA PRO A 196 6.90 10.41 12.12
C PRO A 196 6.21 11.66 12.72
N CYS A 197 5.33 11.48 13.71
CA CYS A 197 4.81 12.59 14.49
C CYS A 197 5.98 13.20 15.22
N ALA A 198 6.05 14.55 15.15
CA ALA A 198 7.14 15.26 15.76
C ALA A 198 7.11 14.95 17.26
N ASN A 199 5.92 14.90 17.86
CA ASN A 199 5.81 14.50 19.28
C ASN A 199 5.96 12.98 19.61
N GLY A 200 6.45 12.14 18.67
CA GLY A 200 6.58 10.68 18.91
C GLY A 200 5.36 9.72 18.93
N PHE A 201 4.13 10.21 18.88
CA PHE A 201 2.97 9.31 18.75
C PHE A 201 3.06 8.38 17.49
N VAL A 202 2.65 7.15 17.65
CA VAL A 202 2.58 6.12 16.57
C VAL A 202 1.13 5.89 16.18
N SER A 203 0.77 6.42 15.01
CA SER A 203 -0.62 6.36 14.53
C SER A 203 -1.06 5.05 13.87
N LEU A 204 -0.23 4.48 13.01
CA LEU A 204 -0.65 3.24 12.28
C LEU A 204 -0.57 2.01 13.18
N GLN A 205 -1.61 1.19 13.19
CA GLN A 205 -1.68 -0.07 13.93
CA GLN A 205 -1.61 -0.09 13.89
C GLN A 205 -2.29 -1.16 13.07
N ALA A 206 -1.87 -2.35 13.31
CA ALA A 206 -2.45 -3.49 12.75
C ALA A 206 -2.75 -4.56 13.75
N GLU A 207 -3.70 -5.42 13.38
CA GLU A 207 -4.04 -6.59 14.18
C GLU A 207 -2.95 -7.66 13.95
N VAL A 208 -2.27 -8.09 15.03
CA VAL A 208 -1.26 -9.14 14.98
C VAL A 208 -1.52 -9.98 16.23
N GLY A 209 -1.79 -11.25 16.04
CA GLY A 209 -2.10 -12.13 17.18
C GLY A 209 -3.30 -11.69 17.98
N GLY A 210 -4.32 -11.28 17.27
CA GLY A 210 -5.53 -10.88 17.91
C GLY A 210 -5.48 -9.56 18.65
N ALA A 211 -4.48 -8.74 18.49
CA ALA A 211 -4.54 -7.38 19.08
C ALA A 211 -3.72 -6.41 18.27
N PHE A 212 -3.98 -5.15 18.49
CA PHE A 212 -3.41 -4.09 17.70
C PHE A 212 -2.03 -3.77 18.17
N THR A 213 -1.12 -3.73 17.21
CA THR A 213 0.28 -3.53 17.44
C THR A 213 0.72 -2.22 16.69
N ASP A 214 1.58 -1.41 17.30
CA ASP A 214 2.20 -0.26 16.67
C ASP A 214 2.99 -0.61 15.47
N LEU A 215 2.91 0.23 14.46
CA LEU A 215 3.73 0.14 13.28
C LEU A 215 4.42 1.46 13.04
N PRO A 216 5.47 1.73 13.78
CA PRO A 216 6.14 3.02 13.67
C PRO A 216 7.01 3.17 12.39
N TYR A 217 7.28 4.42 12.08
CA TYR A 217 8.30 4.84 11.15
C TYR A 217 9.63 4.15 11.35
N ARG A 218 10.28 3.80 10.27
CA ARG A 218 11.63 3.23 10.28
C ARG A 218 12.38 3.79 9.08
N PRO A 219 13.37 4.66 9.29
CA PRO A 219 13.96 5.33 8.11
C PRO A 219 14.56 4.32 7.19
N ASP A 220 14.91 3.18 7.72
CA ASP A 220 15.58 2.22 6.86
C ASP A 220 14.70 1.17 6.15
N ALA A 221 13.40 1.30 6.33
CA ALA A 221 12.55 0.21 5.87
C ALA A 221 11.20 0.75 5.45
N VAL A 222 10.52 0.02 4.60
CA VAL A 222 9.13 0.21 4.21
C VAL A 222 8.22 -0.81 4.86
N LEU A 223 7.01 -0.44 5.25
CA LEU A 223 6.07 -1.44 5.73
C LEU A 223 5.31 -2.03 4.59
N VAL A 224 5.15 -3.35 4.55
CA VAL A 224 4.39 -4.00 3.55
C VAL A 224 3.20 -4.66 4.24
N PHE A 225 2.00 -4.39 3.68
CA PHE A 225 0.81 -5.09 4.07
C PHE A 225 0.45 -6.00 2.91
N CYS A 226 0.11 -7.26 3.15
CA CYS A 226 -0.47 -8.13 2.14
C CYS A 226 -1.94 -7.74 2.05
N GLY A 227 -2.50 -7.67 0.85
CA GLY A 227 -3.91 -7.44 0.74
C GLY A 227 -4.64 -8.74 0.29
N ALA A 228 -5.91 -8.56 0.08
CA ALA A 228 -6.80 -9.67 -0.26
C ALA A 228 -6.50 -10.35 -1.53
N ILE A 229 -5.92 -9.61 -2.48
CA ILE A 229 -5.50 -10.30 -3.74
C ILE A 229 -4.38 -11.27 -3.50
N ALA A 230 -3.45 -10.97 -2.53
CA ALA A 230 -2.43 -11.96 -2.19
C ALA A 230 -3.07 -13.24 -1.64
N THR A 231 -4.08 -13.06 -0.77
CA THR A 231 -4.82 -14.19 -0.30
C THR A 231 -5.49 -14.97 -1.44
N LEU A 232 -6.13 -14.26 -2.36
CA LEU A 232 -6.84 -14.92 -3.44
C LEU A 232 -5.87 -15.70 -4.37
N VAL A 233 -4.84 -15.01 -4.82
CA VAL A 233 -3.94 -15.57 -5.86
C VAL A 233 -3.25 -16.80 -5.30
N THR A 234 -2.84 -16.78 -4.01
CA THR A 234 -2.05 -17.82 -3.42
C THR A 234 -2.96 -18.97 -2.84
N GLY A 235 -4.28 -18.87 -3.03
CA GLY A 235 -5.22 -19.91 -2.55
C GLY A 235 -5.25 -19.97 -1.04
N GLY A 236 -5.08 -18.82 -0.39
CA GLY A 236 -5.25 -18.79 1.03
C GLY A 236 -3.99 -18.91 1.84
N GLN A 237 -2.83 -18.83 1.21
CA GLN A 237 -1.53 -18.93 1.93
C GLN A 237 -1.01 -17.64 2.55
N VAL A 238 -1.75 -16.55 2.34
CA VAL A 238 -1.31 -15.29 2.84
C VAL A 238 -2.51 -14.60 3.49
N LYS A 239 -2.28 -14.04 4.68
CA LYS A 239 -3.29 -13.28 5.44
C LYS A 239 -3.30 -11.89 4.96
N ALA A 240 -4.51 -11.34 4.87
CA ALA A 240 -4.71 -9.92 4.72
C ALA A 240 -5.08 -9.20 6.03
N PRO A 241 -4.12 -8.58 6.73
CA PRO A 241 -4.46 -8.09 8.05
C PRO A 241 -5.23 -6.79 8.04
N ARG A 242 -6.07 -6.68 9.05
CA ARG A 242 -6.71 -5.43 9.36
C ARG A 242 -5.84 -4.40 9.99
N HIS A 243 -6.03 -3.16 9.66
CA HIS A 243 -5.18 -2.10 10.20
C HIS A 243 -6.05 -0.83 10.29
N HIS A 244 -5.60 0.13 11.06
CA HIS A 244 -6.32 1.43 11.17
C HIS A 244 -5.31 2.52 11.55
N VAL A 245 -5.77 3.77 11.62
CA VAL A 245 -4.89 4.89 12.05
C VAL A 245 -5.52 5.57 13.28
N ALA A 246 -4.82 5.45 14.41
CA ALA A 246 -5.23 6.03 15.71
C ALA A 246 -5.01 7.54 15.83
N ALA A 247 -5.82 8.08 16.74
CA ALA A 247 -5.82 9.49 17.17
C ALA A 247 -5.03 9.64 18.45
N PRO A 248 -4.24 10.69 18.53
CA PRO A 248 -3.53 11.03 19.79
C PRO A 248 -4.44 11.42 21.03
N ARG A 249 -3.90 11.33 22.26
CA ARG A 249 -4.65 11.51 23.53
C ARG A 249 -4.92 12.96 24.04
N ARG A 250 -4.76 13.99 23.18
CA ARG A 250 -5.03 15.42 23.53
C ARG A 250 -3.91 16.04 24.36
N ASP A 251 -3.35 15.23 25.27
CA ASP A 251 -1.97 15.35 25.74
C ASP A 251 -0.93 15.29 24.58
N GLN A 252 -1.34 14.96 23.35
CA GLN A 252 -0.38 14.87 22.25
C GLN A 252 -0.96 15.46 20.94
N ILE A 253 -1.89 16.38 21.11
CA ILE A 253 -2.55 17.07 20.01
C ILE A 253 -1.87 18.37 19.62
N ALA A 254 -0.57 18.55 20.01
CA ALA A 254 0.43 19.41 19.34
C ALA A 254 1.64 18.55 18.90
N GLY A 255 2.17 18.80 17.69
CA GLY A 255 3.18 17.89 17.11
C GLY A 255 2.61 16.55 16.60
N SER A 256 1.31 16.51 16.37
CA SER A 256 0.65 15.26 15.94
C SER A 256 0.42 15.12 14.41
N SER A 257 0.79 16.12 13.61
CA SER A 257 0.66 15.89 12.16
C SER A 257 1.62 14.79 11.69
N ARG A 258 1.32 14.27 10.51
CA ARG A 258 2.05 13.17 9.92
C ARG A 258 1.77 13.14 8.39
N THR A 259 2.66 12.47 7.68
CA THR A 259 2.38 12.09 6.26
C THR A 259 2.56 10.58 6.08
N SER A 260 1.88 10.04 5.04
CA SER A 260 2.13 8.62 4.63
C SER A 260 2.13 8.60 3.08
N SER A 261 2.99 7.72 2.55
CA SER A 261 3.02 7.39 1.14
CA SER A 261 3.02 7.39 1.15
C SER A 261 2.52 5.97 1.09
N VAL A 262 1.39 5.75 0.44
CA VAL A 262 0.74 4.42 0.35
C VAL A 262 0.73 3.99 -1.11
N PHE A 263 1.45 2.92 -1.41
CA PHE A 263 1.53 2.40 -2.71
C PHE A 263 0.73 1.07 -2.86
N PHE A 264 -0.38 1.10 -3.61
CA PHE A 264 -1.14 -0.11 -3.81
C PHE A 264 -0.77 -0.81 -5.12
N LEU A 265 -0.34 -2.07 -5.02
CA LEU A 265 -0.14 -2.92 -6.21
C LEU A 265 -1.44 -3.65 -6.43
N ARG A 266 -2.18 -3.24 -7.48
CA ARG A 266 -3.52 -3.68 -7.83
C ARG A 266 -3.53 -4.38 -9.13
N PRO A 267 -4.23 -5.51 -9.19
CA PRO A 267 -4.23 -6.34 -10.37
C PRO A 267 -4.97 -5.68 -11.54
N ASN A 268 -4.68 -6.17 -12.74
CA ASN A 268 -5.47 -5.83 -13.90
C ASN A 268 -6.91 -6.34 -13.80
N ALA A 269 -7.79 -5.65 -14.55
CA ALA A 269 -9.23 -5.96 -14.54
C ALA A 269 -9.48 -7.37 -14.96
N ASP A 270 -8.59 -7.85 -15.83
CA ASP A 270 -8.71 -9.18 -16.42
C ASP A 270 -8.01 -10.28 -15.68
N PHE A 271 -7.40 -10.02 -14.49
CA PHE A 271 -6.94 -11.06 -13.62
C PHE A 271 -7.99 -12.07 -13.34
N THR A 272 -7.59 -13.34 -13.61
CA THR A 272 -8.53 -14.42 -13.59
C THR A 272 -8.15 -15.42 -12.50
N PHE A 273 -9.15 -15.83 -11.73
CA PHE A 273 -8.99 -16.76 -10.66
C PHE A 273 -10.11 -17.82 -10.62
N SER A 274 -9.82 -18.89 -9.88
CA SER A 274 -10.82 -19.94 -9.59
C SER A 274 -11.84 -19.59 -8.53
N VAL A 275 -13.11 -19.71 -8.96
CA VAL A 275 -14.25 -19.39 -8.07
C VAL A 275 -14.28 -20.37 -6.85
N PRO A 276 -14.31 -21.74 -7.04
CA PRO A 276 -14.29 -22.65 -5.87
C PRO A 276 -13.07 -22.40 -4.98
N LEU A 277 -11.89 -22.15 -5.54
CA LEU A 277 -10.75 -21.85 -4.66
C LEU A 277 -10.94 -20.55 -3.77
N ALA A 278 -11.56 -19.53 -4.36
CA ALA A 278 -11.88 -18.23 -3.71
C ALA A 278 -12.76 -18.57 -2.49
N ARG A 279 -13.75 -19.45 -2.73
CA ARG A 279 -14.68 -19.85 -1.71
C ARG A 279 -13.95 -20.54 -0.58
N GLU A 280 -12.89 -21.33 -0.87
CA GLU A 280 -12.21 -22.07 0.15
C GLU A 280 -11.44 -21.20 1.07
N CYS A 281 -11.08 -20.02 0.62
CA CYS A 281 -10.33 -19.19 1.51
C CYS A 281 -11.02 -18.00 2.16
N GLY A 282 -12.35 -18.01 2.14
CA GLY A 282 -13.11 -17.03 2.97
C GLY A 282 -13.83 -16.04 2.12
N PHE A 283 -13.62 -16.06 0.79
CA PHE A 283 -14.28 -15.05 -0.01
C PHE A 283 -15.74 -15.37 -0.31
N ASP A 284 -16.61 -14.41 0.04
CA ASP A 284 -18.05 -14.69 -0.02
C ASP A 284 -18.64 -14.26 -1.42
N VAL A 285 -18.14 -14.97 -2.43
CA VAL A 285 -18.39 -14.61 -3.78
C VAL A 285 -19.77 -15.07 -4.21
N SER A 286 -20.34 -14.20 -5.01
CA SER A 286 -21.60 -14.47 -5.74
C SER A 286 -21.29 -14.49 -7.19
N LEU A 287 -20.62 -15.54 -7.66
CA LEU A 287 -20.08 -15.67 -9.03
C LEU A 287 -20.55 -17.03 -9.54
N ASP A 288 -21.31 -17.00 -10.61
CA ASP A 288 -21.74 -18.22 -11.25
C ASP A 288 -20.51 -18.84 -12.02
N GLY A 289 -20.48 -20.14 -12.12
CA GLY A 289 -19.39 -20.71 -12.92
C GLY A 289 -18.02 -20.83 -12.22
N GLU A 290 -17.03 -21.30 -12.97
CA GLU A 290 -15.81 -21.83 -12.37
C GLU A 290 -14.63 -20.86 -12.30
N THR A 291 -14.59 -19.90 -13.19
CA THR A 291 -13.54 -18.87 -13.13
C THR A 291 -14.18 -17.52 -13.21
N ALA A 292 -13.42 -16.49 -12.77
CA ALA A 292 -13.86 -15.08 -12.79
C ALA A 292 -12.70 -14.15 -12.85
N THR A 293 -13.00 -12.90 -13.19
CA THR A 293 -12.01 -11.85 -13.30
C THR A 293 -12.18 -10.93 -12.08
N PHE A 294 -11.08 -10.25 -11.79
CA PHE A 294 -11.11 -9.16 -10.87
C PHE A 294 -12.28 -8.23 -11.11
N GLN A 295 -12.52 -7.75 -12.36
CA GLN A 295 -13.70 -6.99 -12.65
C GLN A 295 -15.04 -7.66 -12.28
N ASP A 296 -15.19 -8.98 -12.59
CA ASP A 296 -16.37 -9.67 -12.18
C ASP A 296 -16.59 -9.56 -10.66
N TRP A 297 -15.55 -9.65 -9.90
CA TRP A 297 -15.66 -9.72 -8.44
C TRP A 297 -15.92 -8.32 -7.89
N ILE A 298 -15.10 -7.37 -8.24
CA ILE A 298 -15.16 -6.05 -7.53
CA ILE A 298 -15.09 -6.05 -7.53
C ILE A 298 -16.04 -5.07 -8.23
N GLY A 299 -16.28 -5.27 -9.55
CA GLY A 299 -17.04 -4.40 -10.34
C GLY A 299 -16.15 -3.47 -11.21
N GLY A 300 -16.79 -2.41 -11.72
CA GLY A 300 -16.10 -1.51 -12.63
C GLY A 300 -15.30 -0.35 -12.19
N ASN A 301 -15.21 -0.17 -10.87
CA ASN A 301 -14.32 0.76 -10.28
C ASN A 301 -13.47 0.06 -9.29
N TYR A 302 -12.15 0.38 -9.30
CA TYR A 302 -11.26 -0.08 -8.20
C TYR A 302 -11.87 0.25 -6.86
N VAL A 303 -11.76 -0.70 -5.98
CA VAL A 303 -12.04 -0.58 -4.58
C VAL A 303 -10.74 -0.96 -3.85
N ASN A 304 -10.13 -0.02 -3.09
CA ASN A 304 -8.83 -0.20 -2.43
C ASN A 304 -8.83 -0.90 -1.09
N ILE A 305 -9.92 -0.66 -0.37
CA ILE A 305 -9.97 -1.16 1.04
C ILE A 305 -11.33 -1.66 1.32
N ARG A 306 -11.43 -2.48 2.38
CA ARG A 306 -12.73 -3.01 2.76
C ARG A 306 -12.81 -3.10 4.27
N ARG A 307 -13.99 -2.80 4.83
CA ARG A 307 -14.37 -3.17 6.25
C ARG A 307 -14.88 -4.66 6.46
N THR A 308 -14.54 -5.26 7.60
CA THR A 308 -15.09 -6.61 7.92
C THR A 308 -16.65 -6.57 8.10
N SER A 309 -17.15 -5.46 8.68
CA SER A 309 -18.57 -5.16 8.96
C SER A 309 -19.52 -5.30 7.75
FE FE2 B . -4.86 0.15 4.27
O8 PNN C . -4.35 6.51 2.99
C7 PNN C . -4.86 5.42 3.25
N4 PNN C . -4.58 4.50 4.13
C3 PNN C . -3.29 3.91 4.31
C11 PNN C . -2.49 4.57 5.43
O13 PNN C . -2.57 5.79 5.63
O12 PNN C . -1.70 3.85 6.21
C2 PNN C . -3.60 2.42 4.50
C10 PNN C . -4.04 2.20 5.94
C9 PNN C . -2.45 1.54 4.10
S1 PNN C . -4.89 2.03 3.36
C5 PNN C . -5.64 3.56 3.76
C6 PNN C . -6.01 4.62 2.71
N14 PNN C . -5.99 4.21 1.34
C15 PNN C . -6.05 5.23 0.49
O16 PNN C . -5.40 6.26 0.66
C17 PNN C . -6.92 5.11 -0.71
C18 PNN C . -6.24 5.97 -1.72
C19 PNN C . -4.84 6.17 -1.72
C20 PNN C . -4.25 6.98 -2.68
C21 PNN C . -5.07 7.59 -3.63
C22 PNN C . -6.44 7.39 -3.62
C23 PNN C . -7.04 6.58 -2.67
C1 AKG D . -4.57 3.05 3.34
O1 AKG D . -5.02 2.00 2.99
O2 AKG D . -4.67 4.15 2.61
C2 AKG D . -3.91 2.99 4.69
O5 AKG D . -3.96 1.88 5.35
C3 AKG D . -3.20 4.25 5.12
C4 AKG D . -2.27 3.95 6.25
C5 AKG D . -1.44 5.18 6.68
O3 AKG D . -0.40 4.95 7.30
O4 AKG D . -1.86 6.40 6.39
#